data_3Q38
#
_entry.id   3Q38
#
_cell.length_a   65.227
_cell.length_b   79.028
_cell.length_c   69.637
_cell.angle_alpha   90.00
_cell.angle_beta   99.84
_cell.angle_gamma   90.00
#
_symmetry.space_group_name_H-M   'P 1 21 1'
#
loop_
_entity.id
_entity.type
_entity.pdbx_description
1 polymer 'Capsid protein'
2 branched alpha-L-fucopyranose-(1-2)-[alpha-D-galactopyranose-(1-3)]beta-D-galactopyranose
3 non-polymer 1,2-ETHANEDIOL
4 non-polymer IMIDAZOLE
5 water water
#
_entity_poly.entity_id   1
_entity_poly.type   'polypeptide(L)'
_entity_poly.pdbx_seq_one_letter_code
;GPGSSKPFTLPILTLGELTNSRFPLPIDVLYTNPNESAIVQCQNGRCTLDGELQGTTQLLPTGICAFRGKVTQQVQDEHR
GTHWNMTVTNLNGTPFDPTEDVPAPLGTPDFSGQIYGVISQRNTNTVPGEGNLPANRAHEAVIATYSPKFTPKLGNIQFS
TWETQDVSSGQPTKFTPVGLASVDANSHFDQWTLPSYSGALTLNMNLAPSVAPVFPGECLLFFRSFIPLKGGYGNPAIDC
LMPQEWVQHLYQESAPSLSDVALVRYVNPETGRTLFEAKLHRNGFLTVARNSAGPVVAPTNGYFRFDSWVNQFYTLAPM
;
_entity_poly.pdbx_strand_id   A,B
#
# COMPACT_ATOMS: atom_id res chain seq x y z
N SER A 5 -14.52 25.61 12.53
CA SER A 5 -13.64 25.88 13.66
C SER A 5 -12.92 24.61 14.12
N LYS A 6 -13.14 23.51 13.40
CA LYS A 6 -12.53 22.24 13.76
C LYS A 6 -11.02 22.37 13.87
N PRO A 7 -10.44 22.02 15.03
CA PRO A 7 -8.99 22.15 15.21
C PRO A 7 -8.19 21.30 14.24
N PHE A 8 -7.10 21.86 13.74
CA PHE A 8 -6.20 21.17 12.84
C PHE A 8 -5.35 20.18 13.63
N THR A 9 -5.09 19.02 13.04
CA THR A 9 -4.26 17.99 13.66
C THR A 9 -3.54 17.18 12.61
N LEU A 10 -2.43 16.56 13.05
CA LEU A 10 -1.70 15.58 12.23
C LEU A 10 -1.86 14.22 12.91
N PRO A 11 -1.74 13.12 12.15
CA PRO A 11 -1.81 11.83 12.85
C PRO A 11 -0.61 11.65 13.76
N ILE A 12 -0.68 10.71 14.70
CA ILE A 12 0.47 10.41 15.55
C ILE A 12 1.22 9.16 15.08
N LEU A 13 2.28 9.37 14.28
CA LEU A 13 2.96 8.29 13.54
C LEU A 13 4.44 8.58 13.46
N THR A 14 5.23 7.62 13.90
CA THR A 14 6.65 7.75 13.80
C THR A 14 7.00 7.54 12.33
N LEU A 15 8.23 7.83 11.98
CA LEU A 15 8.68 7.66 10.63
C LEU A 15 8.52 6.20 10.22
N GLY A 16 8.68 5.31 11.18
CA GLY A 16 8.56 3.88 10.91
C GLY A 16 7.13 3.37 10.75
N GLU A 17 6.18 4.31 10.84
CA GLU A 17 4.77 4.00 10.65
C GLU A 17 4.17 4.80 9.49
N LEU A 18 5.03 5.36 8.64
CA LEU A 18 4.61 6.21 7.48
C LEU A 18 5.02 5.59 6.18
N THR A 19 4.24 5.89 5.14
CA THR A 19 4.58 5.45 3.78
C THR A 19 4.61 6.63 2.80
N ASN A 20 5.40 6.43 1.75
CA ASN A 20 5.59 7.48 0.73
C ASN A 20 4.32 7.65 -0.09
N SER A 21 4.05 8.90 -0.43
CA SER A 21 2.89 9.21 -1.27
C SER A 21 3.18 9.22 -2.76
N ARG A 22 4.44 9.03 -3.13
CA ARG A 22 4.82 9.08 -4.56
C ARG A 22 5.25 7.72 -5.11
N PHE A 23 5.48 6.74 -4.24
CA PHE A 23 5.76 5.37 -4.68
C PHE A 23 5.42 4.48 -3.48
N PRO A 24 5.04 3.20 -3.70
CA PRO A 24 4.60 2.38 -2.56
C PRO A 24 5.80 1.84 -1.75
N LEU A 25 6.29 2.68 -0.86
CA LEU A 25 7.51 2.39 -0.09
C LEU A 25 7.32 2.93 1.32
N PRO A 26 7.93 2.31 2.31
CA PRO A 26 7.94 2.96 3.64
C PRO A 26 8.80 4.21 3.63
N ILE A 27 8.52 5.16 4.50
CA ILE A 27 9.45 6.28 4.70
C ILE A 27 10.71 5.77 5.42
N ASP A 28 11.88 6.10 4.88
CA ASP A 28 13.16 5.70 5.49
C ASP A 28 13.78 6.79 6.33
N VAL A 29 13.78 8.03 5.85
CA VAL A 29 14.46 9.10 6.56
C VAL A 29 13.85 10.44 6.18
N LEU A 30 13.97 11.45 7.04
CA LEU A 30 13.71 12.83 6.62
C LEU A 30 14.96 13.35 5.92
N TYR A 31 14.79 14.25 4.97
CA TYR A 31 15.88 14.65 4.10
C TYR A 31 15.76 16.09 3.62
N THR A 32 16.92 16.77 3.48
CA THR A 32 16.94 18.10 2.86
C THR A 32 17.95 18.16 1.72
N ASN A 33 17.74 19.08 0.79
CA ASN A 33 18.69 19.31 -0.29
C ASN A 33 18.56 20.78 -0.74
N PRO A 34 19.11 21.72 0.04
CA PRO A 34 18.86 23.15 -0.21
C PRO A 34 19.35 23.66 -1.55
N ASN A 35 20.36 23.03 -2.14
CA ASN A 35 20.87 23.56 -3.41
C ASN A 35 20.23 22.97 -4.67
N GLU A 36 19.18 22.17 -4.49
CA GLU A 36 18.37 21.68 -5.60
C GLU A 36 18.10 22.74 -6.65
N SER A 37 18.48 22.48 -7.90
CA SER A 37 18.22 23.46 -8.96
C SER A 37 16.85 23.27 -9.62
N ALA A 38 16.28 22.08 -9.49
CA ALA A 38 15.01 21.79 -10.16
C ALA A 38 13.85 22.47 -9.45
N ILE A 39 12.85 22.84 -10.23
CA ILE A 39 11.54 23.20 -9.69
C ILE A 39 10.85 21.94 -9.09
N VAL A 40 10.44 22.03 -7.83
CA VAL A 40 9.79 20.90 -7.15
C VAL A 40 8.29 21.05 -7.36
N GLN A 41 7.73 20.14 -8.15
CA GLN A 41 6.32 20.25 -8.56
C GLN A 41 5.73 18.86 -8.78
N CYS A 42 5.99 17.96 -7.82
CA CYS A 42 5.42 16.63 -7.90
C CYS A 42 3.88 16.69 -7.83
N GLN A 43 3.25 15.65 -8.37
CA GLN A 43 1.81 15.62 -8.53
C GLN A 43 1.10 14.59 -7.65
N ASN A 44 1.84 13.57 -7.18
CA ASN A 44 1.30 12.64 -6.15
C ASN A 44 1.72 13.13 -4.78
N GLY A 45 0.93 12.79 -3.76
CA GLY A 45 1.16 13.30 -2.41
C GLY A 45 0.93 14.79 -2.28
N ARG A 46 -0.06 15.31 -2.99
CA ARG A 46 -0.39 16.74 -2.98
C ARG A 46 -1.77 16.90 -2.36
N CYS A 47 -1.81 17.61 -1.25
CA CYS A 47 -3.06 17.83 -0.52
C CYS A 47 -2.89 19.09 0.31
N THR A 48 -3.88 20.00 0.27
CA THR A 48 -3.80 21.19 1.11
C THR A 48 -4.09 20.79 2.56
N LEU A 49 -3.74 21.68 3.48
CA LEU A 49 -3.97 21.41 4.90
C LEU A 49 -5.45 21.32 5.24
N ASP A 50 -6.31 21.90 4.39
CA ASP A 50 -7.75 21.78 4.62
C ASP A 50 -8.41 20.65 3.83
N GLY A 51 -7.59 19.75 3.29
CA GLY A 51 -8.05 18.46 2.74
C GLY A 51 -8.40 18.41 1.27
N GLU A 52 -7.91 19.35 0.49
CA GLU A 52 -8.14 19.37 -0.96
C GLU A 52 -7.02 18.61 -1.67
N LEU A 53 -7.34 17.48 -2.28
CA LEU A 53 -6.36 16.74 -3.06
C LEU A 53 -6.05 17.50 -4.32
N GLN A 54 -4.80 17.47 -4.74
CA GLN A 54 -4.39 18.15 -5.95
C GLN A 54 -3.57 17.25 -6.86
N GLY A 55 -3.29 17.73 -8.06
CA GLY A 55 -2.47 16.96 -8.98
C GLY A 55 -3.16 15.67 -9.38
N THR A 56 -2.39 14.57 -9.33
CA THR A 56 -2.91 13.24 -9.63
C THR A 56 -3.13 12.45 -8.34
N THR A 57 -3.22 13.15 -7.22
CA THR A 57 -3.26 12.48 -5.91
C THR A 57 -4.60 11.77 -5.65
N GLN A 58 -4.50 10.52 -5.20
CA GLN A 58 -5.66 9.74 -4.75
C GLN A 58 -5.28 9.08 -3.42
N LEU A 59 -6.26 8.46 -2.78
CA LEU A 59 -6.12 8.02 -1.39
C LEU A 59 -5.53 6.66 -1.23
N LEU A 60 -5.61 5.79 -2.22
CA LEU A 60 -5.19 4.42 -1.96
C LEU A 60 -3.69 4.23 -2.03
N PRO A 61 -3.08 3.60 -1.01
CA PRO A 61 -1.65 3.26 -1.14
C PRO A 61 -1.40 2.36 -2.35
N THR A 62 -2.36 1.52 -2.71
CA THR A 62 -2.24 0.62 -3.87
C THR A 62 -2.40 1.30 -5.22
N GLY A 63 -2.84 2.56 -5.19
CA GLY A 63 -3.07 3.29 -6.43
C GLY A 63 -1.86 4.11 -6.89
N ILE A 64 -0.87 4.29 -6.02
CA ILE A 64 0.24 5.18 -6.35
C ILE A 64 1.13 4.50 -7.39
N CYS A 65 1.28 5.10 -8.58
CA CYS A 65 2.06 4.52 -9.69
C CYS A 65 1.46 3.25 -10.23
N ALA A 66 0.16 3.06 -10.01
CA ALA A 66 -0.55 1.92 -10.58
C ALA A 66 -1.30 2.32 -11.84
N PHE A 67 -1.58 1.32 -12.68
CA PHE A 67 -2.51 1.51 -13.80
C PHE A 67 -3.45 0.33 -13.89
N ARG A 68 -4.63 0.62 -14.43
CA ARG A 68 -5.63 -0.39 -14.79
CA ARG A 68 -5.61 -0.39 -14.77
C ARG A 68 -6.08 -0.11 -16.20
N GLY A 69 -6.29 -1.16 -16.99
CA GLY A 69 -6.78 -0.98 -18.35
C GLY A 69 -6.82 -2.29 -19.09
N LYS A 70 -6.51 -2.22 -20.39
CA LYS A 70 -6.53 -3.42 -21.24
C LYS A 70 -5.43 -3.32 -22.27
N VAL A 71 -4.66 -4.39 -22.47
CA VAL A 71 -3.71 -4.42 -23.57
C VAL A 71 -4.48 -4.40 -24.88
N THR A 72 -3.99 -3.66 -25.86
CA THR A 72 -4.58 -3.68 -27.19
C THR A 72 -3.77 -4.66 -28.03
N GLN A 73 -2.51 -4.35 -28.31
CA GLN A 73 -1.67 -5.24 -29.13
C GLN A 73 -0.22 -5.05 -28.78
N GLN A 74 0.61 -6.00 -29.21
CA GLN A 74 2.04 -5.81 -29.21
C GLN A 74 2.35 -4.71 -30.23
N VAL A 75 3.37 -3.91 -29.96
CA VAL A 75 3.73 -2.81 -30.85
C VAL A 75 5.22 -2.80 -31.08
N GLN A 76 5.65 -2.25 -32.21
CA GLN A 76 7.07 -2.15 -32.44
C GLN A 76 7.57 -0.90 -31.69
N ASP A 77 8.80 -0.99 -31.22
CA ASP A 77 9.50 0.15 -30.61
C ASP A 77 10.98 -0.12 -30.85
N GLU A 78 11.77 0.92 -31.06
CA GLU A 78 13.18 0.73 -31.37
C GLU A 78 13.95 0.14 -30.20
N HIS A 79 13.45 0.36 -29.00
CA HIS A 79 14.16 -0.02 -27.80
C HIS A 79 14.08 -1.51 -27.48
N ARG A 80 14.99 -1.95 -26.62
CA ARG A 80 15.11 -3.34 -26.26
C ARG A 80 13.86 -3.89 -25.55
N GLY A 81 13.43 -5.06 -25.97
CA GLY A 81 12.34 -5.74 -25.28
C GLY A 81 11.18 -5.95 -26.21
N THR A 82 10.11 -6.47 -25.64
CA THR A 82 8.89 -6.65 -26.37
C THR A 82 7.92 -5.61 -25.81
N HIS A 83 7.24 -4.86 -26.67
CA HIS A 83 6.45 -3.70 -26.25
C HIS A 83 4.98 -3.93 -26.49
N TRP A 84 4.15 -3.34 -25.65
CA TRP A 84 2.71 -3.56 -25.64
C TRP A 84 2.03 -2.25 -25.39
N ASN A 85 0.96 -1.97 -26.11
CA ASN A 85 0.14 -0.81 -25.83
C ASN A 85 -1.01 -1.22 -24.93
N MET A 86 -1.34 -0.39 -23.95
CA MET A 86 -2.52 -0.62 -23.15
C MET A 86 -3.34 0.66 -22.99
N THR A 87 -4.65 0.54 -23.13
CA THR A 87 -5.51 1.63 -22.74
C THR A 87 -5.54 1.66 -21.25
N VAL A 88 -5.76 2.83 -20.68
CA VAL A 88 -5.90 2.95 -19.23
C VAL A 88 -7.22 3.60 -18.88
N THR A 89 -7.85 3.11 -17.82
CA THR A 89 -9.06 3.70 -17.26
C THR A 89 -8.70 4.41 -15.96
N ASN A 90 -9.70 4.94 -15.27
CA ASN A 90 -9.49 5.30 -13.87
C ASN A 90 -9.18 4.03 -13.10
N LEU A 91 -8.53 4.19 -11.96
CA LEU A 91 -8.23 3.03 -11.14
C LEU A 91 -9.49 2.30 -10.70
N ASN A 92 -10.62 2.99 -10.59
CA ASN A 92 -11.86 2.33 -10.18
C ASN A 92 -12.57 1.63 -11.34
N GLY A 93 -11.96 1.61 -12.53
CA GLY A 93 -12.51 0.87 -13.67
C GLY A 93 -13.37 1.71 -14.59
N THR A 94 -13.82 2.87 -14.15
CA THR A 94 -14.64 3.75 -15.01
C THR A 94 -13.75 4.39 -16.08
N PRO A 95 -14.35 4.77 -17.22
CA PRO A 95 -13.53 5.36 -18.27
C PRO A 95 -12.91 6.65 -17.81
N PHE A 96 -11.66 6.87 -18.18
CA PHE A 96 -11.02 8.15 -17.88
C PHE A 96 -11.56 9.20 -18.83
N ASP A 97 -12.05 10.29 -18.26
CA ASP A 97 -12.60 11.40 -19.04
C ASP A 97 -11.54 12.49 -19.13
N PRO A 98 -10.95 12.68 -20.33
CA PRO A 98 -9.87 13.67 -20.46
C PRO A 98 -10.34 15.10 -20.24
N THR A 99 -11.64 15.32 -20.14
CA THR A 99 -12.12 16.68 -19.89
C THR A 99 -12.16 17.05 -18.41
N GLU A 100 -11.97 16.09 -17.52
CA GLU A 100 -11.86 16.41 -16.10
C GLU A 100 -10.60 17.23 -15.85
N ASP A 101 -10.67 18.06 -14.80
CA ASP A 101 -9.59 19.01 -14.50
C ASP A 101 -8.49 18.35 -13.65
N VAL A 102 -7.85 17.33 -14.21
CA VAL A 102 -6.69 16.67 -13.61
C VAL A 102 -5.62 16.51 -14.68
N PRO A 103 -4.36 16.30 -14.27
CA PRO A 103 -3.30 16.20 -15.27
C PRO A 103 -3.31 14.88 -16.06
N ALA A 104 -3.92 13.85 -15.48
CA ALA A 104 -3.79 12.45 -15.92
C ALA A 104 -4.66 11.65 -14.95
N PRO A 105 -4.91 10.36 -15.23
CA PRO A 105 -5.68 9.56 -14.27
C PRO A 105 -5.02 9.62 -12.90
N LEU A 106 -5.82 9.67 -11.86
CA LEU A 106 -5.21 9.70 -10.54
C LEU A 106 -4.38 8.47 -10.32
N GLY A 107 -3.24 8.68 -9.66
CA GLY A 107 -2.24 7.65 -9.39
C GLY A 107 -1.14 7.54 -10.43
N THR A 108 -1.33 8.16 -11.61
CA THR A 108 -0.28 8.13 -12.65
C THR A 108 1.05 8.57 -12.06
N PRO A 109 2.16 7.89 -12.41
CA PRO A 109 3.48 8.35 -11.96
C PRO A 109 3.76 9.82 -12.24
N ASP A 110 4.49 10.46 -11.35
CA ASP A 110 4.77 11.89 -11.50
C ASP A 110 6.24 12.23 -11.74
N PHE A 111 7.02 11.28 -12.24
CA PHE A 111 8.43 11.53 -12.52
C PHE A 111 8.88 10.78 -13.73
N SER A 112 9.97 11.26 -14.31
CA SER A 112 10.67 10.63 -15.43
C SER A 112 11.51 9.46 -14.94
N GLY A 113 11.32 8.30 -15.58
CA GLY A 113 12.14 7.14 -15.29
C GLY A 113 11.59 5.89 -15.90
N GLN A 114 12.31 4.81 -15.69
CA GLN A 114 11.87 3.48 -16.13
C GLN A 114 11.29 2.81 -14.91
N ILE A 115 9.97 2.80 -14.79
CA ILE A 115 9.31 2.18 -13.63
C ILE A 115 9.13 0.70 -13.88
N TYR A 116 9.68 -0.08 -12.97
CA TYR A 116 9.67 -1.54 -13.02
C TYR A 116 8.54 -2.08 -12.15
N GLY A 117 7.83 -3.08 -12.64
CA GLY A 117 6.77 -3.70 -11.85
C GLY A 117 6.28 -4.95 -12.53
N VAL A 118 5.05 -5.34 -12.21
CA VAL A 118 4.46 -6.55 -12.79
C VAL A 118 3.15 -6.19 -13.48
N ILE A 119 3.00 -6.65 -14.73
CA ILE A 119 1.72 -6.60 -15.42
C ILE A 119 1.02 -7.94 -15.18
N SER A 120 -0.23 -7.90 -14.74
CA SER A 120 -1.02 -9.12 -14.57
C SER A 120 -2.33 -8.98 -15.31
N GLN A 121 -2.89 -10.11 -15.72
CA GLN A 121 -4.13 -10.14 -16.47
C GLN A 121 -5.01 -11.23 -15.93
N ARG A 122 -6.32 -10.94 -15.87
CA ARG A 122 -7.34 -11.94 -15.60
C ARG A 122 -8.37 -11.83 -16.71
N ASN A 123 -8.50 -12.85 -17.51
CA ASN A 123 -9.36 -12.78 -18.69
C ASN A 123 -10.82 -12.51 -18.34
N THR A 124 -11.53 -11.86 -19.26
CA THR A 124 -12.95 -11.62 -19.10
C THR A 124 -13.74 -12.89 -19.38
N ASN A 125 -13.37 -13.59 -20.44
CA ASN A 125 -14.08 -14.80 -20.83
C ASN A 125 -13.67 -15.95 -19.91
N THR A 126 -14.61 -16.82 -19.58
CA THR A 126 -14.29 -17.91 -18.68
C THR A 126 -14.45 -19.21 -19.44
N VAL A 127 -13.93 -20.30 -18.88
CA VAL A 127 -13.99 -21.60 -19.54
C VAL A 127 -14.85 -22.58 -18.74
N PRO A 128 -15.87 -23.17 -19.39
CA PRO A 128 -16.76 -24.09 -18.68
C PRO A 128 -16.02 -25.28 -18.04
N GLY A 129 -15.12 -25.91 -18.79
CA GLY A 129 -14.34 -27.02 -18.29
C GLY A 129 -13.39 -26.68 -17.15
N GLU A 130 -13.19 -25.38 -16.91
CA GLU A 130 -12.34 -24.93 -15.80
C GLU A 130 -13.20 -24.35 -14.67
N GLY A 131 -14.43 -24.84 -14.55
CA GLY A 131 -15.34 -24.38 -13.51
C GLY A 131 -15.86 -22.97 -13.77
N ASN A 132 -15.93 -22.58 -15.04
CA ASN A 132 -16.34 -21.25 -15.42
C ASN A 132 -15.40 -20.22 -14.81
N LEU A 133 -14.10 -20.50 -14.87
CA LEU A 133 -13.07 -19.61 -14.36
C LEU A 133 -12.18 -19.09 -15.48
N PRO A 134 -11.63 -17.90 -15.30
CA PRO A 134 -10.80 -17.32 -16.37
C PRO A 134 -9.31 -17.69 -16.29
N ALA A 135 -8.62 -17.62 -17.43
CA ALA A 135 -7.17 -17.78 -17.49
C ALA A 135 -6.46 -16.50 -17.05
N ASN A 136 -5.24 -16.65 -16.55
CA ASN A 136 -4.46 -15.57 -15.98
C ASN A 136 -3.00 -15.62 -16.45
N ARG A 137 -2.32 -14.48 -16.39
CA ARG A 137 -0.88 -14.47 -16.57
C ARG A 137 -0.30 -13.22 -15.95
N ALA A 138 0.95 -13.27 -15.52
CA ALA A 138 1.65 -12.07 -15.08
C ALA A 138 3.10 -12.14 -15.52
N HIS A 139 3.71 -10.97 -15.78
CA HIS A 139 5.14 -10.87 -16.16
C HIS A 139 5.70 -9.57 -15.69
N GLU A 140 7.01 -9.55 -15.46
CA GLU A 140 7.68 -8.30 -15.18
C GLU A 140 7.54 -7.36 -16.37
N ALA A 141 7.50 -6.08 -16.05
CA ALA A 141 7.30 -5.05 -17.08
C ALA A 141 7.96 -3.75 -16.68
N VAL A 142 8.25 -2.93 -17.69
CA VAL A 142 8.83 -1.61 -17.46
C VAL A 142 7.97 -0.57 -18.21
N ILE A 143 7.68 0.55 -17.56
CA ILE A 143 7.02 1.70 -18.18
C ILE A 143 7.99 2.85 -18.16
N ALA A 144 8.42 3.27 -19.36
CA ALA A 144 9.30 4.43 -19.48
C ALA A 144 8.42 5.70 -19.53
N THR A 145 8.38 6.48 -18.44
CA THR A 145 7.42 7.59 -18.38
C THR A 145 7.86 8.80 -19.22
N TYR A 146 9.10 8.78 -19.71
CA TYR A 146 9.61 9.84 -20.60
C TYR A 146 9.37 9.46 -22.05
N SER A 147 8.86 8.28 -22.34
CA SER A 147 8.63 7.88 -23.74
C SER A 147 7.54 8.74 -24.41
N PRO A 148 7.67 9.01 -25.72
CA PRO A 148 6.55 9.65 -26.40
C PRO A 148 5.28 8.80 -26.43
N LYS A 149 5.39 7.52 -26.09
CA LYS A 149 4.23 6.63 -26.06
C LYS A 149 3.61 6.61 -24.67
N PHE A 150 4.18 7.34 -23.70
CA PHE A 150 3.54 7.48 -22.39
C PHE A 150 2.54 8.63 -22.44
N THR A 151 1.27 8.30 -22.70
CA THR A 151 0.26 9.33 -22.89
C THR A 151 -0.99 9.01 -22.03
N PRO A 152 -0.81 8.90 -20.72
CA PRO A 152 -1.95 8.55 -19.86
C PRO A 152 -3.13 9.54 -19.91
N LYS A 153 -2.87 10.84 -20.13
CA LYS A 153 -3.97 11.79 -20.25
C LYS A 153 -4.80 11.52 -21.50
N LEU A 154 -4.22 10.86 -22.49
CA LEU A 154 -4.98 10.43 -23.67
C LEU A 154 -5.53 9.03 -23.53
N GLY A 155 -5.36 8.42 -22.37
CA GLY A 155 -5.94 7.11 -22.11
C GLY A 155 -5.11 5.95 -22.65
N ASN A 156 -3.82 6.13 -22.90
CA ASN A 156 -2.99 5.04 -23.45
C ASN A 156 -1.57 5.16 -22.97
N ILE A 157 -0.97 4.01 -22.65
CA ILE A 157 0.48 3.98 -22.33
C ILE A 157 1.06 2.74 -22.96
N GLN A 158 2.37 2.63 -22.93
CA GLN A 158 3.04 1.45 -23.42
C GLN A 158 3.93 0.89 -22.32
N PHE A 159 4.07 -0.43 -22.27
CA PHE A 159 5.03 -1.05 -21.38
C PHE A 159 5.86 -2.06 -22.15
N SER A 160 7.02 -2.41 -21.62
CA SER A 160 7.86 -3.43 -22.24
C SER A 160 8.03 -4.62 -21.30
N THR A 161 8.24 -5.80 -21.86
CA THR A 161 8.47 -7.02 -21.10
C THR A 161 9.73 -7.70 -21.60
N TRP A 162 10.30 -8.53 -20.74
CA TRP A 162 11.28 -9.53 -21.12
C TRP A 162 10.58 -10.69 -21.80
N GLU A 163 9.43 -11.10 -21.27
CA GLU A 163 8.57 -12.09 -21.91
C GLU A 163 8.24 -11.67 -23.35
N THR A 164 8.36 -12.59 -24.30
CA THR A 164 8.23 -12.23 -25.71
C THR A 164 6.84 -12.43 -26.31
N GLN A 165 5.97 -13.22 -25.67
CA GLN A 165 4.68 -13.46 -26.32
C GLN A 165 3.45 -13.59 -25.40
N ASP A 166 3.68 -13.93 -24.13
CA ASP A 166 2.59 -14.33 -23.23
C ASP A 166 1.86 -13.15 -22.54
N VAL A 167 1.39 -12.21 -23.36
CA VAL A 167 0.57 -11.09 -22.92
C VAL A 167 -0.63 -11.06 -23.87
N SER A 168 -1.85 -11.05 -23.35
CA SER A 168 -3.02 -11.25 -24.19
C SER A 168 -3.69 -9.96 -24.60
N SER A 169 -4.03 -9.84 -25.88
CA SER A 169 -4.78 -8.67 -26.35
C SER A 169 -6.21 -8.65 -25.82
N GLY A 170 -6.70 -7.47 -25.50
CA GLY A 170 -8.10 -7.29 -25.16
C GLY A 170 -8.50 -7.72 -23.77
N GLN A 171 -7.54 -8.03 -22.90
CA GLN A 171 -7.86 -8.56 -21.58
C GLN A 171 -7.54 -7.55 -20.46
N PRO A 172 -8.35 -7.56 -19.40
CA PRO A 172 -8.13 -6.69 -18.23
C PRO A 172 -6.72 -6.84 -17.69
N THR A 173 -6.07 -5.71 -17.49
CA THR A 173 -4.66 -5.66 -17.18
C THR A 173 -4.41 -4.70 -16.03
N LYS A 174 -3.56 -5.12 -15.10
CA LYS A 174 -3.15 -4.35 -13.91
C LYS A 174 -1.64 -4.16 -13.93
N PHE A 175 -1.14 -2.95 -13.63
CA PHE A 175 0.30 -2.75 -13.37
C PHE A 175 0.50 -2.54 -11.88
N THR A 176 1.30 -3.41 -11.25
CA THR A 176 1.69 -3.28 -9.84
C THR A 176 3.15 -2.76 -9.84
N PRO A 177 3.38 -1.54 -9.36
CA PRO A 177 4.75 -1.01 -9.36
C PRO A 177 5.61 -1.68 -8.29
N VAL A 178 6.89 -1.83 -8.57
CA VAL A 178 7.83 -2.44 -7.63
C VAL A 178 9.05 -1.53 -7.41
N GLY A 179 9.60 -0.93 -8.45
CA GLY A 179 10.77 -0.08 -8.27
C GLY A 179 11.13 0.54 -9.60
N LEU A 180 12.44 0.70 -9.82
CA LEU A 180 12.97 1.24 -11.08
C LEU A 180 13.71 0.17 -11.84
N ALA A 181 13.74 0.25 -13.18
CA ALA A 181 14.50 -0.74 -13.95
C ALA A 181 15.99 -0.46 -13.90
N SER A 182 16.36 0.81 -13.85
CA SER A 182 17.75 1.26 -13.94
C SER A 182 17.79 2.71 -13.53
N VAL A 183 18.95 3.19 -13.08
CA VAL A 183 19.19 4.64 -12.97
C VAL A 183 20.45 5.07 -13.74
N ASP A 184 20.81 4.30 -14.75
CA ASP A 184 21.91 4.72 -15.64
C ASP A 184 21.50 6.02 -16.35
N ALA A 185 22.45 6.77 -16.88
CA ALA A 185 22.08 8.02 -17.57
C ALA A 185 21.06 7.77 -18.69
N ASN A 186 21.22 6.66 -19.40
CA ASN A 186 20.32 6.33 -20.48
C ASN A 186 18.90 5.92 -20.08
N SER A 187 18.62 5.86 -18.77
CA SER A 187 17.27 5.53 -18.31
C SER A 187 16.51 6.73 -17.78
N HIS A 188 17.12 7.91 -17.83
CA HIS A 188 16.43 9.18 -17.61
C HIS A 188 15.63 9.24 -16.33
N PHE A 189 16.21 8.80 -15.23
CA PHE A 189 15.58 8.95 -13.94
C PHE A 189 15.80 10.38 -13.45
N ASP A 190 14.71 11.11 -13.24
CA ASP A 190 14.78 12.41 -12.62
C ASP A 190 13.51 12.62 -11.86
N GLN A 191 13.58 12.55 -10.53
CA GLN A 191 12.36 12.56 -9.75
C GLN A 191 11.58 13.87 -9.83
N TRP A 192 12.23 14.97 -10.25
CA TRP A 192 11.53 16.24 -10.32
C TRP A 192 11.12 16.64 -11.73
N THR A 193 11.43 15.82 -12.74
CA THR A 193 10.98 16.06 -14.10
C THR A 193 9.64 15.38 -14.30
N LEU A 194 8.60 16.14 -14.57
CA LEU A 194 7.28 15.52 -14.81
C LEU A 194 7.23 14.83 -16.16
N PRO A 195 6.47 13.73 -16.26
CA PRO A 195 6.16 13.19 -17.59
C PRO A 195 5.36 14.21 -18.38
N SER A 196 5.42 14.06 -19.68
CA SER A 196 4.49 14.78 -20.56
C SER A 196 3.21 13.94 -20.71
N TYR A 197 2.17 14.25 -19.93
CA TYR A 197 1.05 13.32 -19.78
C TYR A 197 0.28 13.09 -21.07
N SER A 198 0.30 14.05 -22.00
CA SER A 198 -0.35 13.89 -23.32
C SER A 198 0.62 13.65 -24.48
N GLY A 199 1.88 13.46 -24.15
CA GLY A 199 2.84 13.13 -25.17
C GLY A 199 3.90 14.15 -25.43
N ALA A 200 4.81 13.73 -26.30
CA ALA A 200 5.85 14.61 -26.82
C ALA A 200 5.28 15.95 -27.33
N LEU A 201 5.87 16.99 -26.78
CA LEU A 201 5.62 18.33 -27.25
C LEU A 201 4.34 19.00 -26.78
N THR A 202 3.58 18.38 -25.87
CA THR A 202 2.38 19.02 -25.33
C THR A 202 2.64 19.57 -23.95
N LEU A 203 1.85 20.56 -23.56
CA LEU A 203 1.94 21.19 -22.25
C LEU A 203 1.05 20.49 -21.26
N ASN A 204 1.59 20.13 -20.10
CA ASN A 204 0.76 19.54 -19.05
C ASN A 204 -0.19 20.58 -18.48
N MET A 205 -1.33 20.12 -17.98
CA MET A 205 -2.33 21.04 -17.40
C MET A 205 -2.87 20.55 -16.07
N ASN A 206 -3.56 21.45 -15.38
CA ASN A 206 -4.22 21.12 -14.13
C ASN A 206 -3.26 20.68 -13.04
N LEU A 207 -2.03 21.19 -13.10
CA LEU A 207 -1.01 20.75 -12.17
C LEU A 207 -1.18 21.32 -10.77
N ALA A 208 -0.82 20.54 -9.76
CA ALA A 208 -0.59 21.09 -8.43
C ALA A 208 0.59 22.07 -8.53
N PRO A 209 0.58 23.15 -7.76
CA PRO A 209 1.60 24.17 -7.96
C PRO A 209 2.97 23.75 -7.48
N SER A 210 4.01 24.43 -7.94
CA SER A 210 5.36 24.19 -7.43
C SER A 210 5.43 24.69 -5.99
N VAL A 211 6.42 24.16 -5.25
CA VAL A 211 6.64 24.52 -3.84
C VAL A 211 8.08 24.94 -3.64
N ALA A 212 8.28 25.88 -2.73
CA ALA A 212 9.61 26.38 -2.45
C ALA A 212 9.62 27.12 -1.12
N PRO A 213 10.82 27.22 -0.49
CA PRO A 213 10.97 28.11 0.67
C PRO A 213 10.93 29.54 0.14
N VAL A 214 10.45 30.46 0.94
CA VAL A 214 10.43 31.86 0.53
C VAL A 214 11.19 32.75 1.52
N PHE A 215 11.63 32.14 2.61
CA PHE A 215 12.20 32.84 3.75
C PHE A 215 13.68 32.45 3.74
N PRO A 216 14.58 33.43 3.84
CA PRO A 216 16.01 33.11 3.73
C PRO A 216 16.47 32.15 4.84
N GLY A 217 17.35 31.21 4.50
CA GLY A 217 17.79 30.19 5.43
C GLY A 217 16.93 28.93 5.52
N GLU A 218 15.77 28.97 4.89
CA GLU A 218 14.87 27.83 4.93
C GLU A 218 15.03 26.97 3.69
N CYS A 219 14.75 25.68 3.86
CA CYS A 219 14.76 24.75 2.74
C CYS A 219 13.59 23.80 2.91
N LEU A 220 13.18 23.16 1.81
CA LEU A 220 12.18 22.09 1.89
C LEU A 220 12.67 20.93 2.73
N LEU A 221 11.73 20.30 3.44
CA LEU A 221 12.00 19.07 4.16
C LEU A 221 11.17 17.96 3.54
N PHE A 222 11.81 16.85 3.19
CA PHE A 222 11.15 15.75 2.47
C PHE A 222 11.08 14.49 3.31
N PHE A 223 10.09 13.64 3.01
CA PHE A 223 10.04 12.28 3.53
C PHE A 223 10.61 11.39 2.42
N ARG A 224 11.77 10.81 2.70
CA ARG A 224 12.53 10.09 1.68
C ARG A 224 12.39 8.56 1.81
N SER A 225 12.22 7.89 0.67
CA SER A 225 12.26 6.42 0.62
C SER A 225 13.23 5.97 -0.42
N PHE A 226 13.94 4.90 -0.14
CA PHE A 226 14.83 4.30 -1.15
C PHE A 226 14.05 3.31 -1.99
N ILE A 227 14.23 3.38 -3.31
CA ILE A 227 13.40 2.63 -4.25
C ILE A 227 14.18 1.46 -4.81
N PRO A 228 13.61 0.26 -4.88
CA PRO A 228 14.35 -0.89 -5.42
C PRO A 228 14.74 -0.74 -6.87
N LEU A 229 15.78 -1.48 -7.28
CA LEU A 229 16.26 -1.52 -8.66
C LEU A 229 16.22 -2.93 -9.20
N LYS A 230 15.82 -3.08 -10.46
CA LYS A 230 15.87 -4.38 -11.15
C LYS A 230 17.31 -4.78 -11.42
N GLY A 231 18.20 -3.81 -11.68
CA GLY A 231 19.59 -4.09 -11.93
C GLY A 231 20.43 -2.84 -11.93
N GLY A 232 21.72 -3.00 -12.08
CA GLY A 232 22.65 -1.89 -12.22
C GLY A 232 23.07 -1.34 -10.87
N TYR A 233 23.88 -0.30 -10.88
CA TYR A 233 24.38 0.34 -9.68
C TYR A 233 23.50 1.50 -9.31
N GLY A 234 23.42 1.78 -8.01
CA GLY A 234 22.64 2.93 -7.61
C GLY A 234 22.01 2.75 -6.24
N ASN A 235 21.67 3.87 -5.62
CA ASN A 235 20.85 3.86 -4.41
C ASN A 235 19.77 4.93 -4.54
N PRO A 236 18.91 4.79 -5.55
CA PRO A 236 17.95 5.85 -5.81
C PRO A 236 16.91 6.01 -4.72
N ALA A 237 16.44 7.26 -4.64
CA ALA A 237 15.43 7.66 -3.66
C ALA A 237 14.31 8.45 -4.32
N ILE A 238 13.15 8.41 -3.67
CA ILE A 238 11.98 9.22 -4.02
C ILE A 238 11.61 10.03 -2.78
N ASP A 239 11.52 11.35 -2.94
CA ASP A 239 11.21 12.27 -1.86
C ASP A 239 9.78 12.78 -1.99
N CYS A 240 8.96 12.62 -0.96
CA CYS A 240 7.62 13.19 -1.02
C CYS A 240 7.45 14.36 -0.04
N LEU A 241 6.47 15.19 -0.31
CA LEU A 241 6.26 16.39 0.51
C LEU A 241 5.54 16.06 1.82
N MET A 242 4.67 15.07 1.78
CA MET A 242 3.97 14.58 2.96
C MET A 242 3.71 13.11 2.71
N PRO A 243 3.74 12.29 3.75
CA PRO A 243 3.46 10.87 3.58
C PRO A 243 2.00 10.61 3.25
N GLN A 244 1.71 9.43 2.73
CA GLN A 244 0.36 9.10 2.29
C GLN A 244 -0.63 9.17 3.46
N GLU A 245 -0.19 8.80 4.67
CA GLU A 245 -1.06 8.88 5.83
C GLU A 245 -1.46 10.30 6.17
N TRP A 246 -0.60 11.27 5.89
CA TRP A 246 -1.01 12.66 6.10
C TRP A 246 -2.04 13.08 5.06
N VAL A 247 -1.85 12.70 3.80
CA VAL A 247 -2.86 12.93 2.78
C VAL A 247 -4.19 12.38 3.25
N GLN A 248 -4.19 11.14 3.72
CA GLN A 248 -5.40 10.47 4.16
C GLN A 248 -6.04 11.16 5.35
N HIS A 249 -5.22 11.63 6.29
CA HIS A 249 -5.70 12.31 7.51
C HIS A 249 -6.35 13.68 7.14
N LEU A 250 -5.64 14.48 6.36
CA LEU A 250 -6.10 15.82 6.00
C LEU A 250 -7.38 15.73 5.21
N TYR A 251 -7.46 14.77 4.30
CA TYR A 251 -8.67 14.55 3.56
C TYR A 251 -9.85 14.25 4.49
N GLN A 252 -9.64 13.38 5.49
CA GLN A 252 -10.70 12.98 6.45
C GLN A 252 -11.14 14.21 7.26
N GLU A 253 -10.17 14.90 7.83
CA GLU A 253 -10.46 15.99 8.78
C GLU A 253 -11.03 17.23 8.11
N SER A 254 -10.46 17.62 6.97
CA SER A 254 -10.78 18.88 6.30
C SER A 254 -10.94 20.05 7.28
N ALA A 255 -9.97 20.22 8.17
CA ALA A 255 -10.02 21.31 9.16
C ALA A 255 -9.70 22.63 8.46
N PRO A 256 -10.46 23.69 8.74
CA PRO A 256 -10.13 24.98 8.14
C PRO A 256 -8.72 25.45 8.47
N SER A 257 -8.02 26.02 7.49
CA SER A 257 -6.66 26.53 7.72
C SER A 257 -6.76 27.96 8.24
N LEU A 258 -6.22 28.21 9.43
CA LEU A 258 -6.42 29.53 10.07
C LEU A 258 -5.33 30.53 9.74
N SER A 259 -4.28 30.08 9.06
CA SER A 259 -3.29 30.99 8.48
C SER A 259 -2.61 30.23 7.35
N ASP A 260 -1.59 30.80 6.75
CA ASP A 260 -0.94 30.10 5.66
C ASP A 260 0.16 29.16 6.15
N VAL A 261 0.46 29.17 7.44
CA VAL A 261 1.53 28.32 7.96
C VAL A 261 1.21 27.77 9.34
N ALA A 262 1.27 26.45 9.48
CA ALA A 262 1.14 25.78 10.76
C ALA A 262 2.53 25.51 11.29
N LEU A 263 2.79 25.93 12.53
CA LEU A 263 4.03 25.57 13.19
C LEU A 263 3.93 24.17 13.78
N VAL A 264 4.88 23.30 13.44
CA VAL A 264 4.88 21.94 13.94
C VAL A 264 6.23 21.64 14.60
N ARG A 265 6.20 20.75 15.58
CA ARG A 265 7.41 20.38 16.31
CA ARG A 265 7.41 20.38 16.32
C ARG A 265 7.63 18.90 16.14
N TYR A 266 8.86 18.53 15.83
CA TYR A 266 9.23 17.12 15.76
C TYR A 266 9.65 16.71 17.17
N VAL A 267 8.89 15.79 17.77
CA VAL A 267 9.05 15.52 19.20
C VAL A 267 9.49 14.11 19.49
N ASN A 268 10.29 13.97 20.55
CA ASN A 268 10.63 12.66 21.08
C ASN A 268 9.72 12.39 22.27
N PRO A 269 8.82 11.39 22.12
CA PRO A 269 7.83 11.06 23.15
C PRO A 269 8.44 10.66 24.49
N GLU A 270 9.50 9.86 24.44
CA GLU A 270 10.18 9.42 25.67
C GLU A 270 10.64 10.61 26.50
N THR A 271 11.44 11.48 25.88
CA THR A 271 11.99 12.65 26.57
C THR A 271 10.97 13.77 26.69
N GLY A 272 10.05 13.84 25.73
CA GLY A 272 9.11 14.95 25.66
C GLY A 272 9.74 16.14 24.96
N ARG A 273 11.01 15.99 24.59
CA ARG A 273 11.78 17.06 23.98
C ARG A 273 11.43 17.31 22.52
N THR A 274 11.49 18.57 22.12
CA THR A 274 11.39 18.96 20.72
C THR A 274 12.76 18.83 20.08
N LEU A 275 12.85 18.01 19.03
CA LEU A 275 14.12 17.80 18.32
C LEU A 275 14.41 18.95 17.36
N PHE A 276 13.36 19.44 16.69
CA PHE A 276 13.44 20.63 15.85
C PHE A 276 12.03 21.06 15.51
N GLU A 277 11.90 22.27 14.97
CA GLU A 277 10.59 22.76 14.51
C GLU A 277 10.60 23.02 13.01
N ALA A 278 9.40 23.05 12.43
CA ALA A 278 9.23 23.19 10.99
C ALA A 278 7.99 24.02 10.71
N LYS A 279 7.95 24.62 9.52
CA LYS A 279 6.74 25.22 9.00
C LYS A 279 6.00 24.26 8.09
N LEU A 280 4.74 23.99 8.39
CA LEU A 280 3.89 23.25 7.49
C LEU A 280 2.96 24.22 6.75
N HIS A 281 3.20 24.37 5.45
CA HIS A 281 2.53 25.39 4.64
C HIS A 281 1.19 24.91 4.16
N ARG A 282 0.29 25.88 3.96
CA ARG A 282 -1.10 25.63 3.56
C ARG A 282 -1.21 24.69 2.38
N ASN A 283 -0.34 24.81 1.38
CA ASN A 283 -0.46 23.99 0.18
C ASN A 283 0.04 22.56 0.39
N GLY A 284 0.61 22.26 1.56
CA GLY A 284 0.92 20.89 1.93
C GLY A 284 2.39 20.52 1.75
N PHE A 285 3.27 21.24 2.43
CA PHE A 285 4.70 20.93 2.37
C PHE A 285 5.39 21.57 3.56
N LEU A 286 6.59 21.07 3.86
CA LEU A 286 7.34 21.51 5.04
C LEU A 286 8.58 22.29 4.66
N THR A 287 8.91 23.31 5.45
CA THR A 287 10.24 23.92 5.42
C THR A 287 10.88 23.91 6.81
N VAL A 288 12.21 23.89 6.82
CA VAL A 288 13.00 23.99 8.06
C VAL A 288 14.13 24.98 7.85
N ALA A 289 14.70 25.46 8.97
CA ALA A 289 15.89 26.31 8.93
C ALA A 289 17.12 25.40 9.00
N ARG A 290 17.68 25.06 7.83
CA ARG A 290 18.82 24.14 7.76
C ARG A 290 19.66 24.56 6.56
N ASN A 291 20.97 24.43 6.69
CA ASN A 291 21.93 24.87 5.67
C ASN A 291 22.81 23.70 5.22
N SER A 292 22.23 22.51 5.11
CA SER A 292 22.97 21.35 4.63
C SER A 292 22.01 20.43 3.90
N ALA A 293 22.58 19.56 3.07
CA ALA A 293 21.86 18.48 2.40
C ALA A 293 22.11 17.17 3.11
N GLY A 294 21.15 16.28 3.01
CA GLY A 294 21.31 14.93 3.53
C GLY A 294 20.24 14.56 4.54
N PRO A 295 20.38 13.37 5.12
CA PRO A 295 19.36 12.90 6.06
C PRO A 295 19.34 13.71 7.34
N VAL A 296 18.19 13.70 7.99
CA VAL A 296 18.02 14.20 9.33
C VAL A 296 18.19 13.00 10.27
N VAL A 297 19.19 13.06 11.14
CA VAL A 297 19.46 11.92 12.00
C VAL A 297 18.71 12.12 13.29
N ALA A 298 17.63 11.38 13.49
N ALA A 298 17.65 11.34 13.43
CA ALA A 298 16.72 11.67 14.61
CA ALA A 298 16.81 11.36 14.60
C ALA A 298 16.31 10.40 15.37
C ALA A 298 16.11 10.02 14.62
N PRO A 299 15.90 10.54 16.64
N PRO A 299 15.63 9.60 15.79
CA PRO A 299 15.43 9.36 17.37
CA PRO A 299 14.92 8.32 15.90
C PRO A 299 14.27 8.70 16.63
C PRO A 299 13.74 8.26 14.94
N THR A 300 14.21 7.37 16.65
N THR A 300 13.45 7.07 14.43
CA THR A 300 13.23 6.62 15.88
CA THR A 300 12.33 6.95 13.52
C THR A 300 11.82 6.74 16.45
C THR A 300 11.13 7.47 14.31
N ASN A 301 11.67 7.25 17.67
N ASN A 301 11.00 6.88 15.50
CA ASN A 301 10.35 7.41 18.26
CA ASN A 301 9.84 7.03 16.36
C ASN A 301 9.71 8.78 17.97
C ASN A 301 9.44 8.48 16.62
N GLY A 302 10.42 9.63 17.23
N GLY A 302 10.31 9.41 16.27
CA GLY A 302 9.93 10.96 16.91
CA GLY A 302 10.00 10.81 16.47
C GLY A 302 8.80 11.09 15.89
C GLY A 302 8.75 11.11 15.68
N TYR A 303 8.01 12.15 16.05
CA TYR A 303 6.91 12.50 15.16
C TYR A 303 6.54 13.98 15.22
N PHE A 304 5.88 14.48 14.18
CA PHE A 304 5.46 15.87 14.17
C PHE A 304 4.15 16.09 14.92
N ARG A 305 4.13 17.13 15.73
CA ARG A 305 2.95 17.53 16.48
C ARG A 305 2.61 18.96 16.06
N PHE A 306 1.33 19.23 15.79
CA PHE A 306 0.90 20.59 15.52
C PHE A 306 1.01 21.46 16.77
N ASP A 307 1.59 22.65 16.62
CA ASP A 307 1.73 23.56 17.76
C ASP A 307 0.73 24.71 17.70
N SER A 308 0.75 25.44 16.60
CA SER A 308 -0.06 26.66 16.47
C SER A 308 -0.01 27.19 15.04
N TRP A 309 -0.99 28.01 14.67
CA TRP A 309 -0.93 28.72 13.41
C TRP A 309 -0.10 29.97 13.58
N VAL A 310 0.87 30.15 12.68
CA VAL A 310 1.73 31.32 12.70
C VAL A 310 1.62 32.01 11.37
N ASN A 311 2.60 32.82 11.00
CA ASN A 311 2.55 33.42 9.68
C ASN A 311 3.88 33.33 8.96
N GLN A 312 3.93 33.83 7.74
CA GLN A 312 5.12 33.72 6.89
C GLN A 312 6.32 34.45 7.49
N PHE A 313 6.06 35.38 8.41
CA PHE A 313 7.11 36.14 9.06
C PHE A 313 7.85 35.34 10.14
N TYR A 314 7.24 34.27 10.63
CA TYR A 314 7.77 33.51 11.76
C TYR A 314 9.18 32.99 11.48
N THR A 315 10.08 33.13 12.46
CA THR A 315 11.46 32.68 12.31
C THR A 315 11.68 31.36 13.02
N LEU A 316 12.01 30.33 12.24
CA LEU A 316 12.24 29.00 12.80
C LEU A 316 13.55 28.94 13.57
N ALA A 317 13.55 28.25 14.70
CA ALA A 317 14.81 27.89 15.36
C ALA A 317 15.62 27.03 14.40
N PRO A 318 16.92 27.31 14.22
CA PRO A 318 17.78 26.48 13.35
C PRO A 318 17.79 25.02 13.79
N MET A 319 17.78 24.09 12.84
CA MET A 319 17.90 22.67 13.16
C MET A 319 19.24 22.31 13.81
N SER B 5 -15.24 10.36 27.88
CA SER B 5 -15.07 9.16 27.07
C SER B 5 -15.02 9.50 25.59
N LYS B 6 -13.82 9.48 25.02
CA LYS B 6 -13.63 9.77 23.60
C LYS B 6 -14.57 8.94 22.76
N PRO B 7 -15.44 9.60 21.99
CA PRO B 7 -16.46 8.90 21.19
C PRO B 7 -15.81 8.01 20.11
N PHE B 8 -16.37 6.81 19.97
CA PHE B 8 -15.90 5.89 18.94
C PHE B 8 -16.31 6.38 17.55
N THR B 9 -15.39 6.27 16.58
CA THR B 9 -15.69 6.63 15.19
C THR B 9 -15.02 5.71 14.18
N LEU B 10 -15.57 5.67 12.96
CA LEU B 10 -14.94 5.04 11.82
C LEU B 10 -14.51 6.12 10.81
N PRO B 11 -13.47 5.86 9.99
CA PRO B 11 -13.16 6.83 8.94
C PRO B 11 -14.32 7.00 7.98
N ILE B 12 -14.38 8.10 7.24
CA ILE B 12 -15.42 8.30 6.22
C ILE B 12 -15.04 7.89 4.76
N LEU B 13 -14.90 6.59 4.49
CA LEU B 13 -14.30 6.10 3.23
C LEU B 13 -15.20 5.15 2.49
N THR B 14 -15.40 5.42 1.21
CA THR B 14 -16.15 4.51 0.39
C THR B 14 -15.31 3.29 0.12
N LEU B 15 -15.94 2.25 -0.44
CA LEU B 15 -15.24 1.04 -0.73
C LEU B 15 -14.11 1.33 -1.64
N GLY B 16 -14.32 2.28 -2.54
CA GLY B 16 -13.30 2.66 -3.51
C GLY B 16 -12.17 3.49 -2.94
N GLU B 17 -12.22 3.75 -1.63
CA GLU B 17 -11.16 4.49 -0.90
C GLU B 17 -10.50 3.62 0.18
N LEU B 18 -10.76 2.31 0.15
CA LEU B 18 -10.24 1.37 1.15
C LEU B 18 -9.30 0.35 0.55
N THR B 19 -8.41 -0.16 1.37
CA THR B 19 -7.49 -1.22 0.93
C THR B 19 -7.55 -2.41 1.91
N ASN B 20 -7.21 -3.57 1.39
CA ASN B 20 -7.23 -4.81 2.13
C ASN B 20 -6.12 -4.83 3.18
N SER B 21 -6.42 -5.37 4.35
CA SER B 21 -5.42 -5.48 5.42
C SER B 21 -4.65 -6.79 5.38
N ARG B 22 -5.00 -7.71 4.48
CA ARG B 22 -4.35 -9.03 4.41
C ARG B 22 -3.50 -9.21 3.16
N PHE B 23 -3.64 -8.32 2.18
CA PHE B 23 -2.78 -8.32 0.99
C PHE B 23 -2.86 -6.92 0.43
N PRO B 24 -1.82 -6.44 -0.27
CA PRO B 24 -1.87 -5.05 -0.79
C PRO B 24 -2.73 -4.91 -2.05
N LEU B 25 -4.02 -4.76 -1.81
CA LEU B 25 -5.03 -4.74 -2.87
C LEU B 25 -6.09 -3.73 -2.47
N PRO B 26 -6.74 -3.09 -3.44
CA PRO B 26 -7.92 -2.25 -3.11
C PRO B 26 -9.08 -3.17 -2.67
N ILE B 27 -10.01 -2.66 -1.86
CA ILE B 27 -11.25 -3.39 -1.64
C ILE B 27 -12.14 -3.34 -2.87
N ASP B 28 -12.62 -4.50 -3.32
CA ASP B 28 -13.50 -4.57 -4.49
C ASP B 28 -14.96 -4.60 -4.11
N VAL B 29 -15.35 -5.45 -3.15
CA VAL B 29 -16.76 -5.61 -2.80
C VAL B 29 -16.86 -6.02 -1.34
N LEU B 30 -18.02 -5.76 -0.73
CA LEU B 30 -18.41 -6.42 0.52
C LEU B 30 -18.94 -7.82 0.20
N TYR B 31 -18.75 -8.77 1.10
CA TYR B 31 -19.00 -10.17 0.75
C TYR B 31 -19.41 -11.00 1.95
N THR B 32 -20.33 -11.94 1.75
CA THR B 32 -20.70 -12.90 2.81
C THR B 32 -20.59 -14.33 2.31
N ASN B 33 -20.43 -15.27 3.24
CA ASN B 33 -20.41 -16.70 2.92
C ASN B 33 -20.83 -17.49 4.15
N PRO B 34 -22.15 -17.53 4.43
CA PRO B 34 -22.65 -18.08 5.70
C PRO B 34 -22.31 -19.55 5.89
N ASN B 35 -22.18 -20.31 4.80
CA ASN B 35 -21.96 -21.74 4.94
C ASN B 35 -20.50 -22.15 5.12
N GLU B 36 -19.62 -21.16 5.16
CA GLU B 36 -18.20 -21.38 5.45
C GLU B 36 -17.99 -22.39 6.56
N SER B 37 -17.21 -23.44 6.29
CA SER B 37 -16.99 -24.45 7.32
C SER B 37 -15.68 -24.24 8.09
N ALA B 38 -14.80 -23.39 7.55
CA ALA B 38 -13.50 -23.16 8.18
C ALA B 38 -13.62 -22.20 9.35
N ILE B 39 -12.75 -22.40 10.33
CA ILE B 39 -12.57 -21.43 11.38
C ILE B 39 -11.84 -20.18 10.80
N VAL B 40 -12.40 -19.02 11.06
CA VAL B 40 -11.83 -17.78 10.54
C VAL B 40 -10.96 -17.20 11.64
N GLN B 41 -9.66 -17.20 11.40
CA GLN B 41 -8.73 -16.77 12.43
C GLN B 41 -7.49 -16.12 11.74
N CYS B 42 -7.76 -15.22 10.81
CA CYS B 42 -6.68 -14.50 10.14
C CYS B 42 -5.89 -13.67 11.14
N GLN B 43 -4.66 -13.35 10.77
CA GLN B 43 -3.72 -12.71 11.71
C GLN B 43 -3.30 -11.30 11.30
N ASN B 44 -3.45 -10.98 10.01
CA ASN B 44 -3.30 -9.58 9.53
C ASN B 44 -4.67 -8.93 9.48
N GLY B 45 -4.70 -7.61 9.62
CA GLY B 45 -5.93 -6.87 9.73
C GLY B 45 -6.72 -7.13 11.00
N ARG B 46 -5.99 -7.34 12.11
CA ARG B 46 -6.61 -7.65 13.40
C ARG B 46 -6.31 -6.49 14.35
N CYS B 47 -7.39 -5.87 14.86
CA CYS B 47 -7.25 -4.72 15.77
C CYS B 47 -8.56 -4.63 16.54
N THR B 48 -8.48 -4.50 17.85
CA THR B 48 -9.67 -4.31 18.64
C THR B 48 -10.24 -2.90 18.39
N LEU B 49 -11.50 -2.70 18.76
CA LEU B 49 -12.12 -1.40 18.53
C LEU B 49 -11.49 -0.27 19.32
N ASP B 50 -10.81 -0.63 20.41
CA ASP B 50 -10.08 0.38 21.21
C ASP B 50 -8.60 0.52 20.83
N GLY B 51 -8.20 -0.07 19.70
CA GLY B 51 -6.93 0.25 19.06
C GLY B 51 -5.76 -0.65 19.41
N GLU B 52 -6.02 -1.86 19.88
CA GLU B 52 -4.95 -2.81 20.16
C GLU B 52 -4.73 -3.70 18.94
N LEU B 53 -3.58 -3.58 18.30
CA LEU B 53 -3.21 -4.47 17.20
C LEU B 53 -3.01 -5.87 17.71
N GLN B 54 -3.42 -6.86 16.93
CA GLN B 54 -3.26 -8.26 17.33
C GLN B 54 -2.65 -9.09 16.22
N GLY B 55 -2.33 -10.34 16.52
CA GLY B 55 -1.76 -11.23 15.53
C GLY B 55 -0.45 -10.71 14.99
N THR B 56 -0.30 -10.70 13.67
CA THR B 56 0.90 -10.20 12.99
C THR B 56 0.64 -8.81 12.41
N THR B 57 -0.41 -8.12 12.89
CA THR B 57 -0.83 -6.86 12.28
C THR B 57 0.10 -5.71 12.58
N GLN B 58 0.48 -5.00 11.52
CA GLN B 58 1.24 -3.78 11.63
C GLN B 58 0.57 -2.71 10.77
N LEU B 59 1.05 -1.47 10.84
CA LEU B 59 0.33 -0.34 10.28
C LEU B 59 0.62 -0.03 8.84
N LEU B 60 1.77 -0.43 8.33
CA LEU B 60 2.14 0.01 6.97
C LEU B 60 1.44 -0.83 5.89
N PRO B 61 0.80 -0.15 4.93
CA PRO B 61 0.25 -0.93 3.80
C PRO B 61 1.36 -1.68 3.02
N THR B 62 2.58 -1.16 3.05
CA THR B 62 3.72 -1.77 2.36
C THR B 62 4.27 -2.95 3.13
N GLY B 63 3.86 -3.12 4.38
CA GLY B 63 4.38 -4.23 5.21
C GLY B 63 3.55 -5.51 5.13
N ILE B 64 2.36 -5.43 4.54
CA ILE B 64 1.45 -6.58 4.52
C ILE B 64 1.98 -7.63 3.54
N CYS B 65 2.27 -8.81 4.05
CA CYS B 65 2.88 -9.90 3.27
C CYS B 65 4.27 -9.59 2.74
N ALA B 66 4.96 -8.65 3.39
CA ALA B 66 6.35 -8.34 3.03
C ALA B 66 7.31 -9.08 3.93
N PHE B 67 8.56 -9.20 3.45
CA PHE B 67 9.68 -9.70 4.26
C PHE B 67 10.90 -8.88 3.95
N ARG B 68 11.77 -8.79 4.96
CA ARG B 68 13.12 -8.26 4.82
CA ARG B 68 13.10 -8.24 4.85
C ARG B 68 14.09 -9.24 5.45
N GLY B 69 15.28 -9.35 4.88
CA GLY B 69 16.27 -10.26 5.43
C GLY B 69 17.45 -10.38 4.51
N LYS B 70 18.11 -11.54 4.58
CA LYS B 70 19.31 -11.81 3.76
C LYS B 70 19.29 -13.26 3.34
N VAL B 71 19.72 -13.52 2.11
CA VAL B 71 19.81 -14.87 1.60
C VAL B 71 21.08 -15.56 2.11
N THR B 72 20.96 -16.85 2.44
CA THR B 72 22.11 -17.61 2.97
C THR B 72 22.58 -18.81 2.13
N GLN B 73 21.71 -19.37 1.30
CA GLN B 73 22.07 -20.58 0.53
C GLN B 73 21.13 -20.79 -0.65
N GLN B 74 21.66 -21.30 -1.74
CA GLN B 74 20.92 -21.71 -2.91
C GLN B 74 20.70 -23.23 -2.83
N VAL B 75 19.47 -23.68 -3.07
CA VAL B 75 19.21 -25.13 -3.11
C VAL B 75 18.33 -25.42 -4.29
N GLN B 76 18.81 -26.25 -5.21
CA GLN B 76 18.04 -26.51 -6.41
C GLN B 76 16.90 -27.47 -6.12
N ASP B 77 15.75 -27.20 -6.74
CA ASP B 77 14.63 -28.10 -6.70
C ASP B 77 14.93 -29.38 -7.47
N GLU B 78 14.20 -30.45 -7.16
CA GLU B 78 14.40 -31.74 -7.82
C GLU B 78 14.13 -31.69 -9.31
N HIS B 79 13.05 -31.01 -9.68
CA HIS B 79 12.60 -30.99 -11.07
C HIS B 79 12.96 -29.68 -11.79
N ARG B 80 12.31 -28.59 -11.38
CA ARG B 80 12.52 -27.30 -12.00
C ARG B 80 12.52 -26.22 -10.92
N GLY B 81 13.30 -25.17 -11.15
CA GLY B 81 13.32 -24.07 -10.21
C GLY B 81 14.39 -24.18 -9.15
N THR B 82 14.70 -23.03 -8.59
CA THR B 82 15.78 -22.86 -7.66
C THR B 82 15.20 -22.26 -6.42
N HIS B 83 15.62 -22.75 -5.27
CA HIS B 83 15.19 -22.22 -4.00
C HIS B 83 16.32 -21.48 -3.34
N TRP B 84 15.97 -20.60 -2.40
CA TRP B 84 16.94 -19.75 -1.70
C TRP B 84 16.50 -19.66 -0.27
N ASN B 85 17.37 -20.02 0.66
CA ASN B 85 17.08 -19.85 2.06
C ASN B 85 17.32 -18.41 2.48
N MET B 86 16.42 -17.84 3.27
CA MET B 86 16.49 -16.44 3.65
C MET B 86 16.27 -16.27 5.15
N THR B 87 17.18 -15.60 5.84
CA THR B 87 16.93 -15.24 7.23
C THR B 87 16.10 -13.98 7.20
N VAL B 88 15.08 -13.87 8.04
CA VAL B 88 14.23 -12.69 8.07
C VAL B 88 14.42 -11.92 9.35
N THR B 89 14.30 -10.62 9.24
CA THR B 89 14.34 -9.69 10.37
C THR B 89 12.95 -9.09 10.54
N ASN B 90 12.79 -8.21 11.52
CA ASN B 90 11.59 -7.36 11.53
C ASN B 90 11.62 -6.46 10.29
N LEU B 91 10.45 -5.95 9.90
CA LEU B 91 10.42 -5.11 8.71
C LEU B 91 11.22 -3.84 8.90
N ASN B 92 11.42 -3.41 10.15
CA ASN B 92 12.23 -2.20 10.41
C ASN B 92 13.74 -2.48 10.43
N GLY B 93 14.11 -3.72 10.11
CA GLY B 93 15.52 -4.10 10.02
C GLY B 93 16.15 -4.60 11.31
N THR B 94 15.46 -4.44 12.44
CA THR B 94 16.00 -4.96 13.70
C THR B 94 15.84 -6.47 13.75
N PRO B 95 16.69 -7.13 14.52
CA PRO B 95 16.60 -8.58 14.60
C PRO B 95 15.25 -9.00 15.15
N PHE B 96 14.65 -10.02 14.54
CA PHE B 96 13.41 -10.55 15.09
C PHE B 96 13.70 -11.38 16.34
N ASP B 97 13.02 -11.06 17.43
CA ASP B 97 13.19 -11.76 18.71
C ASP B 97 12.04 -12.73 18.89
N PRO B 98 12.34 -14.04 18.79
CA PRO B 98 11.30 -15.06 18.90
C PRO B 98 10.62 -15.11 20.26
N THR B 99 11.18 -14.44 21.27
CA THR B 99 10.54 -14.43 22.58
C THR B 99 9.46 -13.36 22.74
N GLU B 100 9.32 -12.49 21.73
CA GLU B 100 8.27 -11.50 21.79
C GLU B 100 6.93 -12.19 21.60
N ASP B 101 5.89 -11.64 22.20
CA ASP B 101 4.57 -12.28 22.16
C ASP B 101 3.77 -12.01 20.88
N VAL B 102 4.31 -12.48 19.74
CA VAL B 102 3.66 -12.39 18.44
C VAL B 102 3.80 -13.74 17.75
N PRO B 103 2.93 -14.02 16.77
CA PRO B 103 3.03 -15.35 16.14
C PRO B 103 4.23 -15.50 15.22
N ALA B 104 4.78 -14.37 14.72
CA ALA B 104 5.75 -14.35 13.63
C ALA B 104 6.09 -12.86 13.44
N PRO B 105 7.11 -12.54 12.65
CA PRO B 105 7.36 -11.10 12.41
C PRO B 105 6.10 -10.40 11.91
N LEU B 106 5.88 -9.17 12.36
CA LEU B 106 4.69 -8.46 11.88
C LEU B 106 4.74 -8.34 10.37
N GLY B 107 3.57 -8.48 9.73
CA GLY B 107 3.41 -8.47 8.28
C GLY B 107 3.51 -9.84 7.61
N THR B 108 4.01 -10.84 8.33
CA THR B 108 4.09 -12.20 7.76
C THR B 108 2.75 -12.60 7.16
N PRO B 109 2.70 -13.27 5.99
CA PRO B 109 1.42 -13.75 5.43
C PRO B 109 0.69 -14.65 6.42
N ASP B 110 -0.63 -14.59 6.38
CA ASP B 110 -1.47 -15.33 7.31
C ASP B 110 -2.32 -16.40 6.66
N PHE B 111 -1.89 -16.90 5.51
CA PHE B 111 -2.65 -17.95 4.82
C PHE B 111 -1.75 -18.90 4.07
N SER B 112 -2.27 -20.09 3.79
CA SER B 112 -1.58 -21.10 3.01
C SER B 112 -1.72 -20.80 1.53
N GLY B 113 -0.58 -20.82 0.84
CA GLY B 113 -0.59 -20.67 -0.60
C GLY B 113 0.79 -20.36 -1.12
N GLN B 114 0.86 -20.22 -2.44
CA GLN B 114 2.09 -19.83 -3.13
C GLN B 114 2.01 -18.33 -3.42
N ILE B 115 2.68 -17.52 -2.63
CA ILE B 115 2.61 -16.07 -2.76
C ILE B 115 3.66 -15.62 -3.76
N TYR B 116 3.21 -14.94 -4.80
CA TYR B 116 4.06 -14.47 -5.89
C TYR B 116 4.42 -13.03 -5.67
N GLY B 117 5.68 -12.68 -5.93
CA GLY B 117 6.11 -11.29 -5.80
C GLY B 117 7.48 -11.12 -6.42
N VAL B 118 8.18 -10.11 -5.94
CA VAL B 118 9.51 -9.81 -6.46
C VAL B 118 10.47 -9.72 -5.29
N ILE B 119 11.58 -10.45 -5.39
CA ILE B 119 12.70 -10.28 -4.47
C ILE B 119 13.66 -9.27 -5.07
N SER B 120 14.03 -8.23 -4.32
CA SER B 120 15.04 -7.27 -4.75
C SER B 120 16.15 -7.16 -3.71
N GLN B 121 17.32 -6.79 -4.18
CA GLN B 121 18.50 -6.68 -3.32
C GLN B 121 19.27 -5.43 -3.65
N ARG B 122 19.79 -4.77 -2.63
CA ARG B 122 20.73 -3.65 -2.81
C ARG B 122 21.91 -3.97 -1.93
N ASN B 123 23.08 -4.16 -2.52
CA ASN B 123 24.24 -4.60 -1.75
C ASN B 123 24.69 -3.58 -0.71
N THR B 124 25.27 -4.10 0.36
CA THR B 124 25.89 -3.27 1.39
C THR B 124 27.18 -2.60 0.90
N ASN B 125 28.00 -3.35 0.20
CA ASN B 125 29.33 -2.90 -0.18
C ASN B 125 29.37 -2.09 -1.47
N THR B 126 30.41 -1.25 -1.60
CA THR B 126 30.55 -0.40 -2.78
C THR B 126 31.90 0.30 -2.76
N ASN B 132 31.54 5.06 -4.70
CA ASN B 132 30.89 4.05 -5.52
C ASN B 132 29.45 3.75 -5.07
N LEU B 133 28.65 3.23 -6.00
CA LEU B 133 27.23 2.97 -5.77
C LEU B 133 27.07 1.45 -5.64
N PRO B 134 26.09 1.01 -4.84
CA PRO B 134 25.94 -0.44 -4.68
C PRO B 134 25.30 -1.11 -5.88
N ALA B 135 25.61 -2.39 -6.06
CA ALA B 135 24.96 -3.24 -7.07
C ALA B 135 23.59 -3.68 -6.61
N ASN B 136 22.72 -3.94 -7.57
CA ASN B 136 21.33 -4.30 -7.33
C ASN B 136 20.87 -5.45 -8.21
N ARG B 137 19.86 -6.18 -7.79
CA ARG B 137 19.17 -7.11 -8.70
C ARG B 137 17.77 -7.36 -8.19
N ALA B 138 16.85 -7.72 -9.07
CA ALA B 138 15.53 -8.16 -8.63
C ALA B 138 15.04 -9.26 -9.55
N HIS B 139 14.23 -10.19 -9.02
CA HIS B 139 13.65 -11.28 -9.79
C HIS B 139 12.29 -11.64 -9.26
N GLU B 140 11.44 -12.19 -10.12
CA GLU B 140 10.20 -12.79 -9.64
C GLU B 140 10.51 -13.94 -8.68
N ALA B 141 9.63 -14.09 -7.69
CA ALA B 141 9.83 -15.11 -6.67
C ALA B 141 8.51 -15.62 -6.14
N VAL B 142 8.53 -16.81 -5.55
CA VAL B 142 7.36 -17.40 -4.91
C VAL B 142 7.72 -17.90 -3.53
N ILE B 143 6.85 -17.64 -2.57
CA ILE B 143 7.00 -18.16 -1.22
C ILE B 143 5.85 -19.09 -0.93
N ALA B 144 6.14 -20.38 -0.70
CA ALA B 144 5.13 -21.36 -0.38
C ALA B 144 4.95 -21.40 1.13
N THR B 145 3.86 -20.82 1.62
CA THR B 145 3.73 -20.61 3.06
C THR B 145 3.34 -21.89 3.79
N TYR B 146 2.97 -22.94 3.05
CA TYR B 146 2.64 -24.24 3.60
C TYR B 146 3.85 -25.17 3.64
N SER B 147 4.99 -24.73 3.11
CA SER B 147 6.20 -25.53 3.08
C SER B 147 6.78 -25.75 4.47
N PRO B 148 7.41 -26.92 4.70
CA PRO B 148 8.11 -27.10 5.96
C PRO B 148 9.23 -26.11 6.16
N LYS B 149 9.70 -25.50 5.07
CA LYS B 149 10.78 -24.52 5.17
C LYS B 149 10.27 -23.12 5.49
N PHE B 150 8.96 -22.95 5.57
CA PHE B 150 8.40 -21.65 5.93
C PHE B 150 8.32 -21.56 7.45
N THR B 151 9.34 -20.97 8.06
CA THR B 151 9.42 -20.93 9.53
C THR B 151 9.78 -19.52 10.02
N PRO B 152 8.97 -18.52 9.66
CA PRO B 152 9.30 -17.13 9.98
C PRO B 152 9.44 -16.90 11.49
N LYS B 153 8.68 -17.62 12.33
CA LYS B 153 8.84 -17.44 13.77
C LYS B 153 10.23 -17.90 14.26
N LEU B 154 10.89 -18.79 13.50
CA LEU B 154 12.25 -19.19 13.81
C LEU B 154 13.27 -18.30 13.10
N GLY B 155 12.80 -17.32 12.35
CA GLY B 155 13.69 -16.38 11.70
C GLY B 155 14.13 -16.77 10.31
N ASN B 156 13.50 -17.77 9.69
CA ASN B 156 13.96 -18.20 8.37
C ASN B 156 12.86 -18.74 7.48
N ILE B 157 12.94 -18.40 6.21
CA ILE B 157 11.99 -18.89 5.21
C ILE B 157 12.74 -19.33 3.95
N GLN B 158 12.02 -19.79 2.94
CA GLN B 158 12.61 -20.08 1.65
C GLN B 158 11.74 -19.43 0.58
N PHE B 159 12.37 -18.94 -0.46
CA PHE B 159 11.63 -18.52 -1.66
C PHE B 159 12.19 -19.23 -2.87
N SER B 160 11.43 -19.33 -3.94
CA SER B 160 11.89 -19.92 -5.17
C SER B 160 11.86 -18.92 -6.30
N THR B 161 12.73 -19.10 -7.28
CA THR B 161 12.79 -18.23 -8.44
C THR B 161 12.83 -19.07 -9.72
N TRP B 162 12.41 -18.46 -10.82
CA TRP B 162 12.66 -18.98 -12.16
C TRP B 162 14.12 -18.68 -12.55
N GLU B 163 14.63 -17.54 -12.09
CA GLU B 163 16.07 -17.23 -12.22
C GLU B 163 16.89 -18.32 -11.54
N THR B 164 17.92 -18.79 -12.24
CA THR B 164 18.71 -19.89 -11.71
C THR B 164 19.95 -19.50 -10.92
N GLN B 165 20.44 -18.25 -11.05
CA GLN B 165 21.72 -17.96 -10.40
C GLN B 165 21.90 -16.59 -9.73
N ASP B 166 21.21 -15.57 -10.24
CA ASP B 166 21.53 -14.18 -9.94
C ASP B 166 20.80 -13.68 -8.68
N VAL B 167 20.99 -14.38 -7.57
CA VAL B 167 20.52 -13.93 -6.27
C VAL B 167 21.73 -14.00 -5.35
N SER B 168 22.07 -12.93 -4.64
CA SER B 168 23.31 -12.89 -3.88
C SER B 168 23.09 -13.25 -2.43
N SER B 169 24.06 -13.94 -1.83
CA SER B 169 24.01 -14.24 -0.39
C SER B 169 24.60 -13.09 0.43
N GLY B 170 24.09 -12.93 1.64
CA GLY B 170 24.64 -11.96 2.57
C GLY B 170 24.34 -10.49 2.27
N GLN B 171 23.33 -10.25 1.45
CA GLN B 171 22.99 -8.88 1.03
C GLN B 171 21.54 -8.55 1.36
N PRO B 172 21.27 -7.29 1.75
CA PRO B 172 19.89 -6.91 2.10
C PRO B 172 18.89 -7.25 1.00
N THR B 173 17.81 -7.91 1.40
CA THR B 173 16.81 -8.49 0.47
C THR B 173 15.41 -8.08 0.95
N LYS B 174 14.59 -7.72 -0.01
CA LYS B 174 13.19 -7.29 0.21
C LYS B 174 12.29 -8.17 -0.63
N PHE B 175 11.18 -8.61 -0.06
CA PHE B 175 10.10 -9.27 -0.84
C PHE B 175 8.94 -8.34 -0.96
N THR B 176 8.58 -7.99 -2.18
CA THR B 176 7.40 -7.16 -2.47
C THR B 176 6.32 -8.13 -2.99
N PRO B 177 5.22 -8.29 -2.27
CA PRO B 177 4.16 -9.20 -2.73
C PRO B 177 3.40 -8.63 -3.91
N VAL B 178 2.95 -9.50 -4.82
CA VAL B 178 2.16 -9.07 -5.98
C VAL B 178 0.84 -9.88 -6.10
N GLY B 179 0.88 -11.18 -5.88
CA GLY B 179 -0.35 -11.96 -6.00
C GLY B 179 -0.06 -13.40 -5.62
N LEU B 180 -0.72 -14.32 -6.28
CA LEU B 180 -0.49 -15.77 -6.06
C LEU B 180 0.15 -16.38 -7.29
N ALA B 181 0.91 -17.45 -7.08
CA ALA B 181 1.52 -18.10 -8.23
C ALA B 181 0.50 -18.97 -8.97
N SER B 182 -0.41 -19.59 -8.23
CA SER B 182 -1.36 -20.56 -8.77
C SER B 182 -2.42 -20.78 -7.74
N VAL B 183 -3.60 -21.24 -8.16
CA VAL B 183 -4.59 -21.79 -7.23
C VAL B 183 -5.01 -23.20 -7.66
N ASP B 184 -4.12 -23.86 -8.39
CA ASP B 184 -4.41 -25.25 -8.76
C ASP B 184 -4.35 -26.16 -7.55
N ALA B 185 -4.78 -27.41 -7.71
CA ALA B 185 -4.83 -28.34 -6.59
C ALA B 185 -3.53 -28.43 -5.81
N ASN B 186 -2.43 -28.51 -6.54
CA ASN B 186 -1.11 -28.72 -5.98
C ASN B 186 -0.51 -27.47 -5.35
N SER B 187 -1.23 -26.36 -5.37
CA SER B 187 -0.67 -25.13 -4.83
C SER B 187 -1.24 -24.74 -3.47
N HIS B 188 -2.12 -25.56 -2.92
CA HIS B 188 -2.56 -25.43 -1.54
C HIS B 188 -3.03 -24.04 -1.12
N PHE B 189 -3.78 -23.36 -1.97
CA PHE B 189 -4.34 -22.08 -1.57
C PHE B 189 -5.56 -22.28 -0.69
N ASP B 190 -5.50 -21.74 0.52
CA ASP B 190 -6.65 -21.74 1.42
C ASP B 190 -6.51 -20.53 2.33
N GLN B 191 -7.35 -19.52 2.09
CA GLN B 191 -7.16 -18.25 2.79
C GLN B 191 -7.43 -18.35 4.30
N TRP B 192 -8.08 -19.43 4.76
CA TRP B 192 -8.37 -19.58 6.18
C TRP B 192 -7.47 -20.59 6.89
N THR B 193 -6.56 -21.22 6.15
CA THR B 193 -5.59 -22.12 6.77
C THR B 193 -4.36 -21.31 7.14
N LEU B 194 -4.02 -21.23 8.42
CA LEU B 194 -2.82 -20.50 8.82
C LEU B 194 -1.57 -21.27 8.45
N PRO B 195 -0.48 -20.57 8.13
CA PRO B 195 0.82 -21.25 8.05
C PRO B 195 1.19 -21.77 9.42
N SER B 196 2.06 -22.78 9.44
CA SER B 196 2.67 -23.19 10.71
C SER B 196 3.91 -22.34 10.84
N TYR B 197 3.83 -21.25 11.63
CA TYR B 197 4.91 -20.25 11.68
C TYR B 197 6.27 -20.77 12.13
N SER B 198 6.28 -21.84 12.94
CA SER B 198 7.51 -22.52 13.36
C SER B 198 7.68 -23.91 12.77
N GLY B 199 6.94 -24.22 11.71
CA GLY B 199 7.02 -25.54 11.13
C GLY B 199 5.97 -26.53 11.66
N ALA B 200 5.87 -27.66 10.98
CA ALA B 200 4.64 -28.45 11.03
C ALA B 200 4.35 -29.10 12.39
N LEU B 201 5.38 -29.43 13.16
CA LEU B 201 5.14 -30.12 14.44
C LEU B 201 4.97 -29.18 15.63
N THR B 202 4.97 -27.88 15.39
CA THR B 202 4.96 -26.90 16.46
C THR B 202 3.68 -26.09 16.40
N LEU B 203 3.07 -25.81 17.54
CA LEU B 203 1.84 -25.04 17.63
C LEU B 203 2.09 -23.57 17.38
N ASN B 204 1.22 -22.93 16.63
CA ASN B 204 1.27 -21.46 16.54
C ASN B 204 0.91 -20.85 17.87
N MET B 205 1.47 -19.68 18.18
CA MET B 205 1.20 -19.04 19.45
C MET B 205 0.97 -17.55 19.30
N ASN B 206 0.41 -16.98 20.37
CA ASN B 206 0.13 -15.54 20.42
C ASN B 206 -0.85 -15.10 19.32
N LEU B 207 -1.78 -15.98 18.95
CA LEU B 207 -2.69 -15.70 17.84
C LEU B 207 -3.80 -14.74 18.24
N ALA B 208 -4.17 -13.87 17.31
CA ALA B 208 -5.45 -13.18 17.41
C ALA B 208 -6.55 -14.27 17.41
N PRO B 209 -7.61 -14.07 18.20
CA PRO B 209 -8.63 -15.12 18.35
C PRO B 209 -9.46 -15.32 17.08
N SER B 210 -10.05 -16.49 16.99
CA SER B 210 -11.01 -16.74 15.92
C SER B 210 -12.23 -15.84 16.07
N VAL B 211 -12.97 -15.66 14.97
CA VAL B 211 -14.15 -14.82 14.94
C VAL B 211 -15.33 -15.58 14.32
N ALA B 212 -16.52 -15.31 14.82
CA ALA B 212 -17.73 -16.01 14.35
C ALA B 212 -18.97 -15.26 14.82
N PRO B 213 -20.09 -15.41 14.10
CA PRO B 213 -21.34 -14.88 14.66
C PRO B 213 -21.76 -15.73 15.84
N VAL B 214 -22.49 -15.14 16.77
CA VAL B 214 -22.98 -15.93 17.92
C VAL B 214 -24.52 -15.96 17.99
N PHE B 215 -25.15 -15.25 17.07
CA PHE B 215 -26.60 -15.07 17.04
C PHE B 215 -27.15 -15.76 15.78
N PRO B 216 -28.22 -16.54 15.90
CA PRO B 216 -28.75 -17.22 14.73
C PRO B 216 -29.13 -16.26 13.61
N GLY B 217 -28.86 -16.65 12.38
CA GLY B 217 -29.21 -15.83 11.23
C GLY B 217 -28.15 -14.79 10.89
N GLU B 218 -27.12 -14.64 11.72
CA GLU B 218 -26.01 -13.75 11.38
C GLU B 218 -24.87 -14.50 10.72
N CYS B 219 -24.10 -13.76 9.92
CA CYS B 219 -22.89 -14.28 9.30
C CYS B 219 -21.84 -13.18 9.30
N LEU B 220 -20.59 -13.55 9.13
CA LEU B 220 -19.51 -12.57 9.00
C LEU B 220 -19.70 -11.74 7.71
N LEU B 221 -19.30 -10.47 7.77
CA LEU B 221 -19.25 -9.61 6.60
C LEU B 221 -17.81 -9.27 6.33
N PHE B 222 -17.34 -9.54 5.11
CA PHE B 222 -15.93 -9.33 4.75
C PHE B 222 -15.77 -8.19 3.76
N PHE B 223 -14.56 -7.60 3.76
CA PHE B 223 -14.11 -6.70 2.70
C PHE B 223 -13.24 -7.53 1.78
N ARG B 224 -13.73 -7.73 0.56
CA ARG B 224 -13.12 -8.68 -0.38
C ARG B 224 -12.32 -7.98 -1.48
N SER B 225 -11.14 -8.55 -1.75
CA SER B 225 -10.31 -8.13 -2.86
C SER B 225 -9.96 -9.28 -3.75
N PHE B 226 -9.94 -9.07 -5.05
CA PHE B 226 -9.45 -10.11 -5.95
C PHE B 226 -7.95 -10.00 -6.12
N ILE B 227 -7.28 -11.14 -6.04
CA ILE B 227 -5.79 -11.18 -6.00
C ILE B 227 -5.23 -11.65 -7.34
N PRO B 228 -4.21 -10.99 -7.87
CA PRO B 228 -3.66 -11.43 -9.17
C PRO B 228 -3.06 -12.82 -9.17
N LEU B 229 -3.01 -13.43 -10.32
CA LEU B 229 -2.36 -14.73 -10.51
C LEU B 229 -1.24 -14.69 -11.54
N LYS B 230 -0.14 -15.38 -11.26
CA LYS B 230 0.95 -15.51 -12.21
C LYS B 230 0.56 -16.36 -13.41
N GLY B 231 -0.28 -17.38 -13.17
CA GLY B 231 -0.73 -18.26 -14.25
C GLY B 231 -1.88 -19.14 -13.82
N GLY B 232 -2.40 -19.90 -14.75
CA GLY B 232 -3.49 -20.82 -14.46
C GLY B 232 -4.88 -20.20 -14.51
N TYR B 233 -5.86 -21.04 -14.23
CA TYR B 233 -7.23 -20.59 -14.16
C TYR B 233 -7.60 -20.24 -12.74
N GLY B 234 -8.51 -19.29 -12.59
CA GLY B 234 -8.99 -18.93 -11.27
C GLY B 234 -9.41 -17.50 -11.17
N ASN B 235 -10.21 -17.23 -10.15
CA ASN B 235 -10.53 -15.86 -9.76
C ASN B 235 -10.40 -15.68 -8.25
N PRO B 236 -9.20 -15.93 -7.72
CA PRO B 236 -9.04 -15.93 -6.27
C PRO B 236 -9.27 -14.58 -5.61
N ALA B 237 -9.75 -14.67 -4.36
CA ALA B 237 -10.01 -13.51 -3.53
C ALA B 237 -9.40 -13.68 -2.14
N ILE B 238 -9.16 -12.55 -1.49
CA ILE B 238 -8.70 -12.47 -0.10
C ILE B 238 -9.72 -11.60 0.63
N ASP B 239 -10.31 -12.16 1.70
CA ASP B 239 -11.33 -11.45 2.49
C ASP B 239 -10.73 -10.98 3.82
N CYS B 240 -10.83 -9.69 4.10
CA CYS B 240 -10.36 -9.19 5.39
C CYS B 240 -11.51 -8.79 6.29
N LEU B 241 -11.25 -8.73 7.58
CA LEU B 241 -12.29 -8.43 8.56
C LEU B 241 -12.53 -6.95 8.67
N MET B 242 -11.48 -6.17 8.49
CA MET B 242 -11.58 -4.69 8.43
C MET B 242 -10.49 -4.24 7.47
N PRO B 243 -10.73 -3.16 6.74
CA PRO B 243 -9.69 -2.67 5.84
C PRO B 243 -8.52 -2.06 6.61
N GLN B 244 -7.38 -1.91 5.94
CA GLN B 244 -6.20 -1.37 6.57
C GLN B 244 -6.43 0.04 7.14
N GLU B 245 -7.26 0.86 6.49
CA GLU B 245 -7.50 2.20 6.97
C GLU B 245 -8.28 2.18 8.28
N TRP B 246 -9.10 1.14 8.48
CA TRP B 246 -9.78 1.05 9.78
C TRP B 246 -8.80 0.66 10.88
N VAL B 247 -7.88 -0.26 10.60
CA VAL B 247 -6.83 -0.58 11.54
C VAL B 247 -6.07 0.68 11.93
N GLN B 248 -5.71 1.46 10.91
CA GLN B 248 -4.93 2.67 11.15
C GLN B 248 -5.71 3.67 11.99
N HIS B 249 -7.00 3.83 11.68
CA HIS B 249 -7.88 4.76 12.38
C HIS B 249 -8.08 4.36 13.84
N LEU B 250 -8.42 3.10 14.06
CA LEU B 250 -8.63 2.59 15.43
C LEU B 250 -7.37 2.74 16.29
N TYR B 251 -6.22 2.43 15.70
CA TYR B 251 -4.97 2.60 16.41
C TYR B 251 -4.77 4.05 16.80
N GLN B 252 -5.04 4.99 15.88
CA GLN B 252 -4.88 6.44 16.16
C GLN B 252 -5.79 6.85 17.33
N GLU B 253 -7.06 6.48 17.21
CA GLU B 253 -8.08 7.00 18.10
C GLU B 253 -8.05 6.35 19.48
N SER B 254 -7.89 5.03 19.52
CA SER B 254 -7.94 4.29 20.77
C SER B 254 -9.13 4.72 21.67
N ALA B 255 -10.31 4.85 21.08
CA ALA B 255 -11.53 5.19 21.82
C ALA B 255 -11.93 4.00 22.69
N PRO B 256 -12.34 4.26 23.94
CA PRO B 256 -12.79 3.17 24.81
C PRO B 256 -14.03 2.48 24.24
N SER B 257 -14.07 1.15 24.30
CA SER B 257 -15.25 0.42 23.84
C SER B 257 -16.29 0.42 24.96
N LEU B 258 -17.49 0.90 24.71
CA LEU B 258 -18.48 1.02 25.78
C LEU B 258 -19.37 -0.23 25.96
N SER B 259 -19.37 -1.13 24.98
CA SER B 259 -19.95 -2.46 25.12
C SER B 259 -19.14 -3.41 24.24
N ASP B 260 -19.61 -4.64 24.05
CA ASP B 260 -18.88 -5.60 23.25
C ASP B 260 -19.27 -5.55 21.78
N VAL B 261 -20.27 -4.74 21.48
CA VAL B 261 -20.80 -4.70 20.11
C VAL B 261 -21.22 -3.29 19.76
N ALA B 262 -20.68 -2.75 18.69
CA ALA B 262 -21.15 -1.49 18.14
C ALA B 262 -22.15 -1.75 17.00
N LEU B 263 -23.19 -0.92 16.92
CA LEU B 263 -24.10 -0.93 15.76
C LEU B 263 -23.61 0.09 14.73
N VAL B 264 -23.39 -0.34 13.49
CA VAL B 264 -22.97 0.57 12.44
C VAL B 264 -23.99 0.49 11.27
N ARG B 265 -24.10 1.58 10.54
CA ARG B 265 -25.03 1.65 9.42
C ARG B 265 -24.28 1.96 8.14
N TYR B 266 -24.60 1.22 7.07
CA TYR B 266 -24.01 1.52 5.77
C TYR B 266 -24.90 2.53 5.09
N VAL B 267 -24.40 3.73 4.84
CA VAL B 267 -25.28 4.80 4.41
C VAL B 267 -24.91 5.29 3.01
N ASN B 268 -25.94 5.74 2.30
CA ASN B 268 -25.79 6.46 1.05
C ASN B 268 -25.87 7.93 1.43
N PRO B 269 -24.74 8.64 1.38
CA PRO B 269 -24.70 10.03 1.85
C PRO B 269 -25.47 10.97 0.92
N GLU B 270 -25.65 10.57 -0.33
CA GLU B 270 -26.42 11.37 -1.26
C GLU B 270 -27.87 11.44 -0.81
N THR B 271 -28.49 10.27 -0.67
CA THR B 271 -29.88 10.18 -0.25
C THR B 271 -30.01 10.28 1.27
N GLY B 272 -28.92 9.98 1.98
CA GLY B 272 -28.93 9.98 3.43
C GLY B 272 -29.51 8.71 4.01
N ARG B 273 -29.93 7.80 3.14
CA ARG B 273 -30.61 6.58 3.58
C ARG B 273 -29.63 5.50 4.06
N THR B 274 -30.08 4.69 5.00
CA THR B 274 -29.33 3.55 5.45
C THR B 274 -29.67 2.37 4.56
N LEU B 275 -28.63 1.75 3.99
CA LEU B 275 -28.80 0.59 3.10
C LEU B 275 -28.93 -0.70 3.89
N PHE B 276 -28.14 -0.81 4.96
CA PHE B 276 -28.25 -1.94 5.87
C PHE B 276 -27.48 -1.62 7.12
N GLU B 277 -27.66 -2.44 8.15
CA GLU B 277 -26.88 -2.24 9.38
C GLU B 277 -26.09 -3.52 9.71
N ALA B 278 -25.06 -3.34 10.54
CA ALA B 278 -24.18 -4.43 10.89
C ALA B 278 -23.74 -4.28 12.33
N LYS B 279 -23.32 -5.39 12.95
CA LYS B 279 -22.68 -5.37 14.26
C LYS B 279 -21.17 -5.32 14.04
N LEU B 280 -20.53 -4.35 14.67
CA LEU B 280 -19.07 -4.26 14.69
C LEU B 280 -18.59 -4.69 16.08
N HIS B 281 -18.01 -5.87 16.15
CA HIS B 281 -17.66 -6.52 17.41
C HIS B 281 -16.33 -6.01 17.97
N ARG B 282 -16.22 -6.02 19.29
CA ARG B 282 -15.07 -5.50 20.01
C ARG B 282 -13.75 -5.98 19.47
N ASN B 283 -13.68 -7.24 19.11
CA ASN B 283 -12.44 -7.83 18.64
C ASN B 283 -12.08 -7.43 17.21
N GLY B 284 -12.95 -6.69 16.53
CA GLY B 284 -12.63 -6.09 15.24
C GLY B 284 -13.12 -6.89 14.05
N PHE B 285 -14.43 -7.13 13.97
CA PHE B 285 -15.02 -7.82 12.83
C PHE B 285 -16.52 -7.48 12.76
N LEU B 286 -17.12 -7.71 11.60
CA LEU B 286 -18.52 -7.38 11.35
C LEU B 286 -19.37 -8.61 11.19
N THR B 287 -20.60 -8.54 11.69
CA THR B 287 -21.61 -9.52 11.29
C THR B 287 -22.86 -8.78 10.77
N VAL B 288 -23.62 -9.49 9.93
CA VAL B 288 -24.88 -8.98 9.42
C VAL B 288 -25.90 -10.11 9.46
N ALA B 289 -27.18 -9.75 9.34
CA ALA B 289 -28.27 -10.71 9.26
C ALA B 289 -28.54 -10.93 7.78
N ARG B 290 -27.86 -11.92 7.20
CA ARG B 290 -28.01 -12.20 5.78
C ARG B 290 -27.94 -13.72 5.65
N ASN B 291 -28.81 -14.29 4.82
CA ASN B 291 -28.82 -15.74 4.68
C ASN B 291 -28.40 -16.17 3.29
N SER B 292 -27.52 -15.40 2.66
CA SER B 292 -27.01 -15.75 1.34
C SER B 292 -25.52 -15.47 1.25
N ALA B 293 -24.89 -16.11 0.27
CA ALA B 293 -23.48 -15.90 -0.02
C ALA B 293 -23.31 -15.00 -1.23
N GLY B 294 -22.23 -14.25 -1.27
CA GLY B 294 -21.93 -13.48 -2.46
C GLY B 294 -21.70 -12.03 -2.13
N PRO B 295 -21.47 -11.23 -3.16
CA PRO B 295 -21.25 -9.80 -2.97
C PRO B 295 -22.49 -9.09 -2.47
N VAL B 296 -22.27 -7.99 -1.75
CA VAL B 296 -23.32 -7.06 -1.40
C VAL B 296 -23.37 -6.02 -2.51
N VAL B 297 -24.53 -5.84 -3.10
CA VAL B 297 -24.66 -4.86 -4.14
C VAL B 297 -25.01 -3.54 -3.49
N ALA B 298 -24.13 -2.54 -3.60
N ALA B 298 -24.05 -2.61 -3.59
CA ALA B 298 -24.42 -1.26 -2.96
CA ALA B 298 -24.18 -1.27 -3.06
C ALA B 298 -23.92 -0.08 -3.78
C ALA B 298 -23.11 -0.40 -3.70
N PRO B 299 -24.53 1.10 -3.59
N PRO B 299 -23.36 0.92 -3.72
CA PRO B 299 -24.08 2.31 -4.27
CA PRO B 299 -22.46 1.91 -4.36
C PRO B 299 -22.62 2.60 -3.97
C PRO B 299 -21.12 1.99 -3.66
N THR B 300 -21.87 3.04 -4.98
N THR B 300 -20.06 2.04 -4.44
CA THR B 300 -20.44 3.25 -4.82
CA THR B 300 -18.77 2.22 -3.83
C THR B 300 -20.12 4.37 -3.84
C THR B 300 -18.78 3.58 -3.17
N ASN B 301 -21.12 5.20 -3.52
N ASN B 301 -19.86 4.33 -3.39
CA ASN B 301 -20.91 6.28 -2.55
CA ASN B 301 -20.11 5.64 -2.81
C ASN B 301 -21.12 5.88 -1.07
C ASN B 301 -20.47 5.59 -1.32
N GLY B 302 -21.50 4.64 -0.83
N GLY B 302 -21.08 4.48 -0.91
CA GLY B 302 -21.77 4.17 0.52
CA GLY B 302 -21.58 4.33 0.46
C GLY B 302 -20.58 3.95 1.45
C GLY B 302 -20.48 4.03 1.47
N TYR B 303 -20.81 4.12 2.75
CA TYR B 303 -19.80 3.85 3.77
C TYR B 303 -20.44 3.59 5.12
N PHE B 304 -19.68 2.99 6.03
CA PHE B 304 -20.17 2.69 7.38
C PHE B 304 -20.04 3.85 8.32
N ARG B 305 -21.09 4.07 9.11
CA ARG B 305 -21.13 5.13 10.11
C ARG B 305 -21.50 4.49 11.47
N PHE B 306 -20.77 4.83 12.53
CA PHE B 306 -21.10 4.36 13.86
C PHE B 306 -22.44 4.94 14.31
N ASP B 307 -23.30 4.08 14.87
CA ASP B 307 -24.60 4.51 15.35
C ASP B 307 -24.64 4.57 16.88
N SER B 308 -24.35 3.44 17.53
CA SER B 308 -24.50 3.35 18.98
C SER B 308 -23.89 2.04 19.47
N TRP B 309 -23.59 1.94 20.76
CA TRP B 309 -23.23 0.65 21.33
C TRP B 309 -24.48 -0.19 21.63
N VAL B 310 -24.48 -1.47 21.26
CA VAL B 310 -25.60 -2.38 21.55
C VAL B 310 -25.03 -3.62 22.27
N ASN B 311 -25.68 -4.79 22.16
CA ASN B 311 -25.10 -5.99 22.78
C ASN B 311 -25.31 -7.25 21.95
N GLN B 312 -24.83 -8.38 22.46
CA GLN B 312 -24.90 -9.64 21.71
C GLN B 312 -26.33 -10.03 21.37
N PHE B 313 -27.31 -9.56 22.18
CA PHE B 313 -28.72 -9.89 21.98
C PHE B 313 -29.47 -8.94 21.03
N TYR B 314 -28.80 -7.90 20.54
CA TYR B 314 -29.43 -6.98 19.60
C TYR B 314 -29.77 -7.72 18.32
N THR B 315 -30.96 -7.51 17.82
CA THR B 315 -31.38 -8.14 16.58
C THR B 315 -31.20 -7.17 15.41
N LEU B 316 -30.33 -7.54 14.48
CA LEU B 316 -30.08 -6.71 13.31
C LEU B 316 -31.23 -6.77 12.33
N ALA B 317 -31.51 -5.64 11.69
CA ALA B 317 -32.48 -5.62 10.60
C ALA B 317 -31.96 -6.53 9.51
N PRO B 318 -32.79 -7.46 9.02
CA PRO B 318 -32.34 -8.34 7.94
C PRO B 318 -31.95 -7.57 6.68
N MET B 319 -30.94 -8.07 5.96
CA MET B 319 -30.56 -7.45 4.69
C MET B 319 -30.66 -8.44 3.54
#